data_1WKK
#
_entry.id   1WKK
#
_cell.length_a   123.830
_cell.length_b   123.830
_cell.length_c   104.302
_cell.angle_alpha   90.00
_cell.angle_beta   90.00
_cell.angle_gamma   120.00
#
_symmetry.space_group_name_H-M   'P 63 2 2'
#
loop_
_entity.id
_entity.type
_entity.pdbx_description
1 polymer 'nucleoside diphosphate kinase'
2 non-polymer "GUANOSINE-5'-DIPHOSPHATE"
3 water water
#
_entity_poly.entity_id   1
_entity_poly.type   'polypeptide(L)'
_entity_poly.pdbx_seq_one_letter_code
;MERTFVMIKPDGVRRGLVGEILARFERKGFRIAALKLMQISQELAERHYAEHREKPFFPGLVRFITSGPVVAMVLEGPGV
VAEVRKMMGATHPKDALPGTIRGDFATTIDENVIHGSATLEDAQREIALFFRPEELL
;
_entity_poly.pdbx_strand_id   A,B
#
# COMPACT_ATOMS: atom_id res chain seq x y z
N MET A 1 3.03 17.89 8.07
CA MET A 1 1.82 18.70 8.38
C MET A 1 0.73 18.63 7.30
N GLU A 2 0.93 19.34 6.20
CA GLU A 2 -0.04 19.34 5.11
C GLU A 2 -0.29 17.90 4.62
N ARG A 3 -1.53 17.61 4.25
CA ARG A 3 -1.91 16.27 3.79
C ARG A 3 -2.82 16.28 2.57
N THR A 4 -2.64 15.29 1.70
CA THR A 4 -3.49 15.19 0.52
C THR A 4 -4.00 13.77 0.36
N PHE A 5 -5.12 13.65 -0.34
CA PHE A 5 -5.71 12.34 -0.59
C PHE A 5 -5.31 11.86 -1.98
N VAL A 6 -4.83 10.62 -2.07
CA VAL A 6 -4.45 10.04 -3.35
C VAL A 6 -5.13 8.70 -3.51
N MET A 7 -5.51 8.40 -4.74
CA MET A 7 -6.18 7.15 -5.05
C MET A 7 -5.71 6.57 -6.39
N ILE A 8 -5.23 5.34 -6.36
CA ILE A 8 -4.82 4.67 -7.57
C ILE A 8 -6.11 3.95 -7.94
N LYS A 9 -6.76 4.43 -9.00
CA LYS A 9 -8.03 3.88 -9.47
C LYS A 9 -7.93 2.42 -9.86
N PRO A 10 -9.09 1.77 -10.10
CA PRO A 10 -9.12 0.34 -10.48
C PRO A 10 -8.21 -0.09 -11.62
N ASP A 11 -8.00 0.78 -12.61
CA ASP A 11 -7.14 0.42 -13.73
C ASP A 11 -5.68 0.38 -13.29
N GLY A 12 -5.27 1.35 -12.49
CA GLY A 12 -3.91 1.38 -11.99
C GLY A 12 -3.59 0.12 -11.21
N VAL A 13 -4.50 -0.28 -10.33
CA VAL A 13 -4.32 -1.47 -9.51
C VAL A 13 -4.36 -2.72 -10.38
N ARG A 14 -5.25 -2.72 -11.37
CA ARG A 14 -5.40 -3.87 -12.25
C ARG A 14 -4.12 -4.07 -13.05
N ARG A 15 -3.54 -2.96 -13.51
CA ARG A 15 -2.33 -2.97 -14.31
C ARG A 15 -1.01 -3.15 -13.55
N GLY A 16 -1.10 -3.39 -12.24
CA GLY A 16 0.08 -3.59 -11.44
C GLY A 16 0.97 -2.37 -11.31
N LEU A 17 0.37 -1.19 -11.19
CA LEU A 17 1.12 0.05 -11.08
C LEU A 17 1.21 0.60 -9.65
N VAL A 18 0.60 -0.07 -8.69
CA VAL A 18 0.61 0.44 -7.31
C VAL A 18 2.00 0.72 -6.76
N GLY A 19 2.90 -0.24 -6.89
CA GLY A 19 4.25 -0.07 -6.39
C GLY A 19 5.06 1.04 -7.05
N GLU A 20 5.05 1.08 -8.37
CA GLU A 20 5.78 2.09 -9.10
C GLU A 20 5.31 3.48 -8.72
N ILE A 21 4.00 3.66 -8.63
CA ILE A 21 3.46 4.96 -8.27
C ILE A 21 3.81 5.32 -6.83
N LEU A 22 3.74 4.34 -5.94
CA LEU A 22 4.06 4.59 -4.55
C LEU A 22 5.52 5.01 -4.46
N ALA A 23 6.39 4.27 -5.15
CA ALA A 23 7.81 4.55 -5.14
C ALA A 23 8.13 6.00 -5.52
N ARG A 24 7.38 6.54 -6.48
CA ARG A 24 7.59 7.92 -6.92
C ARG A 24 7.37 8.90 -5.79
N PHE A 25 6.33 8.68 -5.00
CA PHE A 25 6.03 9.58 -3.90
C PHE A 25 7.06 9.44 -2.79
N GLU A 26 7.58 8.22 -2.59
CA GLU A 26 8.58 8.03 -1.56
C GLU A 26 9.89 8.69 -2.02
N ARG A 27 10.25 8.53 -3.29
CA ARG A 27 11.47 9.14 -3.81
C ARG A 27 11.37 10.66 -3.75
N LYS A 28 10.15 11.18 -3.85
CA LYS A 28 9.94 12.62 -3.81
C LYS A 28 10.19 13.14 -2.41
N GLY A 29 10.06 12.25 -1.43
CA GLY A 29 10.28 12.64 -0.05
C GLY A 29 9.03 12.74 0.80
N PHE A 30 7.87 12.43 0.24
CA PHE A 30 6.64 12.51 1.02
C PHE A 30 6.50 11.31 1.94
N ARG A 31 5.70 11.48 2.98
CA ARG A 31 5.46 10.43 3.97
C ARG A 31 4.07 9.79 3.79
N ILE A 32 4.02 8.47 3.90
CA ILE A 32 2.75 7.75 3.77
C ILE A 32 2.08 7.80 5.14
N ALA A 33 1.04 8.62 5.28
CA ALA A 33 0.34 8.76 6.55
C ALA A 33 -0.83 7.80 6.68
N ALA A 34 -1.24 7.21 5.55
CA ALA A 34 -2.33 6.25 5.52
C ALA A 34 -2.28 5.49 4.20
N LEU A 35 -2.71 4.24 4.21
CA LEU A 35 -2.69 3.42 3.00
C LEU A 35 -3.56 2.19 3.13
N LYS A 36 -4.32 1.88 2.09
CA LYS A 36 -5.14 0.68 2.11
C LYS A 36 -5.79 0.32 0.78
N LEU A 37 -5.92 -0.99 0.58
CA LEU A 37 -6.58 -1.52 -0.61
C LEU A 37 -8.04 -1.57 -0.16
N MET A 38 -8.96 -1.17 -1.03
CA MET A 38 -10.35 -1.20 -0.64
C MET A 38 -11.25 -1.22 -1.85
N GLN A 39 -12.44 -1.76 -1.66
CA GLN A 39 -13.43 -1.81 -2.73
C GLN A 39 -14.33 -0.62 -2.43
N ILE A 40 -14.51 0.26 -3.40
CA ILE A 40 -15.35 1.41 -3.19
C ILE A 40 -16.81 0.97 -3.28
N SER A 41 -17.59 1.29 -2.24
CA SER A 41 -19.01 0.95 -2.20
C SER A 41 -19.76 1.94 -3.09
N GLN A 42 -20.89 1.49 -3.63
CA GLN A 42 -21.71 2.34 -4.50
C GLN A 42 -22.01 3.65 -3.77
N GLU A 43 -22.25 3.56 -2.48
CA GLU A 43 -22.55 4.73 -1.66
C GLU A 43 -21.36 5.68 -1.62
N LEU A 44 -20.19 5.16 -1.22
CA LEU A 44 -18.98 5.97 -1.13
C LEU A 44 -18.67 6.65 -2.46
N ALA A 45 -18.86 5.93 -3.55
CA ALA A 45 -18.60 6.48 -4.87
C ALA A 45 -19.53 7.65 -5.16
N GLU A 46 -20.78 7.52 -4.76
CA GLU A 46 -21.74 8.59 -5.00
C GLU A 46 -21.42 9.81 -4.13
N ARG A 47 -21.06 9.58 -2.88
CA ARG A 47 -20.73 10.70 -2.02
C ARG A 47 -19.46 11.41 -2.52
N HIS A 48 -18.59 10.66 -3.19
CA HIS A 48 -17.34 11.22 -3.71
C HIS A 48 -17.58 12.05 -4.97
N TYR A 49 -18.31 11.48 -5.92
CA TYR A 49 -18.61 12.16 -7.17
C TYR A 49 -19.98 12.86 -7.17
N ALA A 50 -20.46 13.24 -6.00
CA ALA A 50 -21.75 13.92 -5.88
C ALA A 50 -21.83 15.12 -6.82
N GLU A 51 -20.68 15.74 -7.02
CA GLU A 51 -20.54 16.90 -7.89
C GLU A 51 -21.15 16.66 -9.27
N HIS A 52 -20.96 15.45 -9.80
CA HIS A 52 -21.47 15.13 -11.14
C HIS A 52 -22.71 14.23 -11.14
N ARG A 53 -23.49 14.25 -10.06
CA ARG A 53 -24.67 13.39 -10.02
C ARG A 53 -25.69 13.70 -11.11
N GLU A 54 -25.65 14.92 -11.62
CA GLU A 54 -26.58 15.34 -12.67
C GLU A 54 -26.09 15.00 -14.06
N LYS A 55 -24.78 15.11 -14.26
CA LYS A 55 -24.16 14.81 -15.54
C LYS A 55 -24.59 13.44 -16.05
N PRO A 56 -24.61 13.25 -17.39
CA PRO A 56 -25.02 11.98 -17.99
C PRO A 56 -23.92 10.91 -17.95
N PHE A 57 -22.69 11.34 -17.61
CA PHE A 57 -21.57 10.41 -17.54
C PHE A 57 -21.38 9.84 -16.13
N PHE A 58 -22.20 10.31 -15.21
CA PHE A 58 -22.13 9.87 -13.81
C PHE A 58 -22.31 8.38 -13.60
N PRO A 59 -23.27 7.76 -14.31
CA PRO A 59 -23.47 6.32 -14.14
C PRO A 59 -22.20 5.51 -14.43
N GLY A 60 -21.57 5.79 -15.57
CA GLY A 60 -20.35 5.09 -15.94
C GLY A 60 -19.20 5.47 -15.04
N LEU A 61 -19.17 6.75 -14.64
CA LEU A 61 -18.11 7.25 -13.79
C LEU A 61 -18.08 6.44 -12.50
N VAL A 62 -19.26 6.15 -11.96
CA VAL A 62 -19.38 5.39 -10.72
C VAL A 62 -19.12 3.91 -10.95
N ARG A 63 -19.70 3.38 -12.01
CA ARG A 63 -19.54 1.98 -12.32
C ARG A 63 -18.04 1.64 -12.34
N PHE A 64 -17.29 2.41 -13.12
CA PHE A 64 -15.85 2.22 -13.24
C PHE A 64 -15.11 2.30 -11.91
N ILE A 65 -15.34 3.37 -11.17
CA ILE A 65 -14.65 3.55 -9.90
C ILE A 65 -14.91 2.43 -8.89
N THR A 66 -15.84 1.54 -9.19
CA THR A 66 -16.15 0.44 -8.27
C THR A 66 -15.94 -0.92 -8.95
N SER A 67 -15.50 -0.88 -10.20
CA SER A 67 -15.27 -2.08 -11.01
C SER A 67 -14.20 -3.01 -10.46
N GLY A 68 -13.39 -2.50 -9.55
CA GLY A 68 -12.36 -3.33 -8.96
C GLY A 68 -11.82 -2.60 -7.76
N PRO A 69 -10.96 -3.24 -6.96
CA PRO A 69 -10.40 -2.58 -5.78
C PRO A 69 -9.46 -1.43 -6.15
N VAL A 70 -9.28 -0.50 -5.21
CA VAL A 70 -8.40 0.63 -5.44
C VAL A 70 -7.46 0.79 -4.25
N VAL A 71 -6.47 1.68 -4.38
CA VAL A 71 -5.55 1.91 -3.28
C VAL A 71 -5.65 3.36 -2.88
N ALA A 72 -6.21 3.58 -1.69
CA ALA A 72 -6.35 4.93 -1.17
C ALA A 72 -5.17 5.18 -0.23
N MET A 73 -4.73 6.42 -0.18
CA MET A 73 -3.60 6.75 0.67
C MET A 73 -3.61 8.23 1.01
N VAL A 74 -2.78 8.61 1.98
CA VAL A 74 -2.67 10.00 2.40
C VAL A 74 -1.18 10.34 2.44
N LEU A 75 -0.80 11.34 1.65
CA LEU A 75 0.58 11.79 1.60
C LEU A 75 0.74 13.03 2.46
N GLU A 76 1.87 13.12 3.15
CA GLU A 76 2.14 14.22 4.06
C GLU A 76 3.51 14.86 3.77
N GLY A 77 3.52 16.18 3.68
CA GLY A 77 4.77 16.86 3.43
C GLY A 77 4.60 18.30 2.97
N PRO A 78 5.71 19.05 2.81
CA PRO A 78 5.73 20.44 2.38
C PRO A 78 4.94 20.67 1.10
N GLY A 79 3.78 21.31 1.23
CA GLY A 79 2.95 21.58 0.06
C GLY A 79 2.66 20.34 -0.75
N VAL A 80 2.44 19.22 -0.05
CA VAL A 80 2.16 17.95 -0.70
C VAL A 80 0.95 17.97 -1.63
N VAL A 81 -0.02 18.84 -1.36
CA VAL A 81 -1.20 18.88 -2.22
C VAL A 81 -0.91 19.34 -3.63
N ALA A 82 -0.31 20.52 -3.78
CA ALA A 82 -0.03 21.02 -5.11
C ALA A 82 1.04 20.15 -5.78
N GLU A 83 2.06 19.74 -5.02
CA GLU A 83 3.10 18.89 -5.60
C GLU A 83 2.54 17.61 -6.20
N VAL A 84 1.63 16.96 -5.48
CA VAL A 84 1.05 15.73 -6.01
C VAL A 84 0.23 16.02 -7.25
N ARG A 85 -0.44 17.16 -7.27
CA ARG A 85 -1.21 17.53 -8.43
C ARG A 85 -0.29 17.61 -9.63
N LYS A 86 0.85 18.26 -9.43
CA LYS A 86 1.82 18.43 -10.51
C LYS A 86 2.40 17.07 -10.95
N MET A 87 2.72 16.22 -9.99
CA MET A 87 3.26 14.89 -10.27
C MET A 87 2.32 13.98 -11.06
N MET A 88 1.02 14.11 -10.85
CA MET A 88 0.06 13.26 -11.56
C MET A 88 -0.09 13.69 -13.02
N GLY A 89 0.02 15.00 -13.25
CA GLY A 89 -0.12 15.53 -14.59
C GLY A 89 -1.58 15.86 -14.84
N ALA A 90 -1.86 16.48 -15.98
CA ALA A 90 -3.23 16.84 -16.35
C ALA A 90 -4.19 15.66 -16.24
N THR A 91 -5.46 15.95 -15.99
CA THR A 91 -6.46 14.90 -15.86
C THR A 91 -6.56 14.08 -17.13
N HIS A 92 -6.69 14.76 -18.26
CA HIS A 92 -6.76 14.11 -19.56
C HIS A 92 -5.34 13.75 -19.96
N PRO A 93 -5.00 12.44 -19.98
CA PRO A 93 -3.67 11.95 -20.34
C PRO A 93 -3.08 12.56 -21.60
N LYS A 94 -3.92 13.12 -22.46
CA LYS A 94 -3.43 13.74 -23.70
C LYS A 94 -2.64 14.99 -23.38
N ASP A 95 -3.05 15.71 -22.34
CA ASP A 95 -2.36 16.94 -21.98
C ASP A 95 -1.22 16.72 -20.99
N ALA A 96 -1.22 15.57 -20.32
CA ALA A 96 -0.19 15.25 -19.34
C ALA A 96 1.19 15.10 -19.98
N LEU A 97 2.21 15.69 -19.35
CA LEU A 97 3.57 15.63 -19.85
C LEU A 97 4.34 14.42 -19.36
N PRO A 98 5.29 13.93 -20.15
CA PRO A 98 6.09 12.78 -19.75
C PRO A 98 6.79 13.07 -18.44
N GLY A 99 7.06 12.03 -17.64
CA GLY A 99 7.69 12.21 -16.35
C GLY A 99 6.62 12.34 -15.29
N THR A 100 5.40 12.58 -15.78
CA THR A 100 4.20 12.72 -14.98
C THR A 100 3.56 11.35 -14.91
N ILE A 101 2.83 11.05 -13.84
CA ILE A 101 2.19 9.74 -13.69
C ILE A 101 1.21 9.43 -14.82
N ARG A 102 0.26 10.33 -15.06
CA ARG A 102 -0.70 10.09 -16.13
C ARG A 102 -0.01 10.13 -17.49
N GLY A 103 0.97 11.02 -17.60
CA GLY A 103 1.71 11.14 -18.84
C GLY A 103 2.57 9.92 -19.17
N ASP A 104 2.93 9.14 -18.15
CA ASP A 104 3.73 7.95 -18.39
C ASP A 104 2.89 6.68 -18.39
N PHE A 105 1.80 6.66 -17.61
CA PHE A 105 0.97 5.47 -17.52
C PHE A 105 -0.43 5.45 -18.11
N ALA A 106 -1.08 6.60 -18.22
CA ALA A 106 -2.44 6.64 -18.74
C ALA A 106 -2.55 6.92 -20.23
N THR A 107 -3.65 6.49 -20.84
CA THR A 107 -3.88 6.71 -22.27
C THR A 107 -5.24 7.34 -22.58
N THR A 108 -6.22 7.15 -21.70
CA THR A 108 -7.56 7.71 -21.90
C THR A 108 -8.06 8.40 -20.63
N ILE A 109 -8.95 9.39 -20.79
CA ILE A 109 -9.50 10.12 -19.66
C ILE A 109 -10.39 9.24 -18.76
N ASP A 110 -11.13 8.33 -19.37
CA ASP A 110 -12.00 7.42 -18.62
C ASP A 110 -11.16 6.70 -17.55
N GLU A 111 -10.00 6.20 -17.98
CA GLU A 111 -9.11 5.49 -17.08
C GLU A 111 -7.80 6.27 -16.93
N ASN A 112 -7.81 7.28 -16.06
CA ASN A 112 -6.62 8.09 -15.87
C ASN A 112 -5.74 7.62 -14.72
N VAL A 113 -5.86 6.33 -14.37
CA VAL A 113 -5.03 5.68 -13.37
C VAL A 113 -4.98 6.22 -11.94
N ILE A 114 -5.14 7.53 -11.77
CA ILE A 114 -5.02 8.09 -10.44
C ILE A 114 -5.78 9.40 -10.21
N HIS A 115 -6.04 9.69 -8.93
CA HIS A 115 -6.69 10.92 -8.49
C HIS A 115 -5.97 11.47 -7.27
N GLY A 116 -5.84 12.80 -7.22
CA GLY A 116 -5.20 13.44 -6.10
C GLY A 116 -6.03 14.67 -5.76
N SER A 117 -6.21 14.94 -4.47
CA SER A 117 -7.00 16.08 -4.01
C SER A 117 -6.65 17.36 -4.77
N ALA A 118 -7.67 18.12 -5.15
CA ALA A 118 -7.49 19.35 -5.89
C ALA A 118 -7.04 20.54 -5.05
N THR A 119 -7.47 20.60 -3.79
CA THR A 119 -7.10 21.71 -2.90
C THR A 119 -7.08 21.23 -1.46
N LEU A 120 -6.58 22.09 -0.57
CA LEU A 120 -6.54 21.73 0.84
C LEU A 120 -7.93 21.33 1.33
N GLU A 121 -8.93 22.07 0.87
CA GLU A 121 -10.32 21.82 1.24
C GLU A 121 -10.79 20.46 0.77
N ASP A 122 -10.50 20.13 -0.48
CA ASP A 122 -10.88 18.83 -1.02
C ASP A 122 -10.14 17.74 -0.27
N ALA A 123 -8.89 18.01 0.08
CA ALA A 123 -8.07 17.05 0.80
C ALA A 123 -8.73 16.64 2.11
N GLN A 124 -9.12 17.62 2.93
CA GLN A 124 -9.74 17.31 4.21
C GLN A 124 -11.02 16.51 4.03
N ARG A 125 -11.86 16.95 3.11
CA ARG A 125 -13.12 16.27 2.84
C ARG A 125 -12.88 14.83 2.36
N GLU A 126 -12.06 14.67 1.33
CA GLU A 126 -11.76 13.36 0.77
C GLU A 126 -11.14 12.41 1.78
N ILE A 127 -10.25 12.93 2.60
CA ILE A 127 -9.59 12.10 3.62
C ILE A 127 -10.60 11.60 4.64
N ALA A 128 -11.48 12.50 5.09
CA ALA A 128 -12.49 12.15 6.08
C ALA A 128 -13.50 11.15 5.55
N LEU A 129 -13.74 11.21 4.24
CA LEU A 129 -14.70 10.33 3.58
C LEU A 129 -14.14 8.92 3.32
N PHE A 130 -12.86 8.83 2.96
CA PHE A 130 -12.22 7.54 2.67
C PHE A 130 -11.51 6.92 3.86
N PHE A 131 -11.22 7.72 4.89
CA PHE A 131 -10.50 7.19 6.03
C PHE A 131 -11.11 7.44 7.41
N ARG A 132 -11.10 6.38 8.23
CA ARG A 132 -11.58 6.48 9.61
C ARG A 132 -10.42 7.20 10.29
N PRO A 133 -10.70 8.07 11.27
CA PRO A 133 -9.65 8.81 11.98
C PRO A 133 -8.50 7.97 12.54
N GLU A 134 -8.81 6.78 13.04
CA GLU A 134 -7.76 5.93 13.61
C GLU A 134 -6.77 5.39 12.56
N GLU A 135 -7.15 5.45 11.29
CA GLU A 135 -6.30 4.96 10.20
C GLU A 135 -5.17 5.93 9.80
N LEU A 136 -5.25 7.17 10.28
CA LEU A 136 -4.22 8.15 9.96
C LEU A 136 -3.11 8.03 11.00
N LEU A 137 -1.87 7.96 10.53
CA LEU A 137 -0.73 7.81 11.43
C LEU A 137 0.34 8.86 11.22
N MET B 1 -5.91 -20.09 -5.35
CA MET B 1 -6.22 -19.01 -4.38
C MET B 1 -5.35 -19.06 -3.13
N GLU B 2 -4.19 -19.73 -3.21
CA GLU B 2 -3.29 -19.79 -2.08
C GLU B 2 -2.88 -18.36 -1.72
N ARG B 3 -2.54 -18.11 -0.47
CA ARG B 3 -2.17 -16.76 -0.08
C ARG B 3 -1.18 -16.69 1.09
N THR B 4 -0.44 -15.58 1.16
CA THR B 4 0.52 -15.42 2.24
C THR B 4 0.46 -14.02 2.85
N PHE B 5 0.98 -13.92 4.05
CA PHE B 5 1.01 -12.63 4.76
C PHE B 5 2.41 -12.04 4.68
N VAL B 6 2.49 -10.76 4.34
CA VAL B 6 3.77 -10.07 4.25
C VAL B 6 3.68 -8.77 5.03
N MET B 7 4.79 -8.41 5.66
CA MET B 7 4.84 -7.17 6.41
C MET B 7 6.15 -6.44 6.15
N ILE B 8 6.06 -5.23 5.62
CA ILE B 8 7.25 -4.46 5.40
C ILE B 8 7.43 -3.80 6.75
N LYS B 9 8.54 -4.15 7.41
CA LYS B 9 8.85 -3.66 8.74
C LYS B 9 9.12 -2.16 8.81
N PRO B 10 9.09 -1.59 10.03
CA PRO B 10 9.33 -0.14 10.22
C PRO B 10 10.54 0.40 9.49
N ASP B 11 11.62 -0.37 9.45
CA ASP B 11 12.83 0.09 8.76
C ASP B 11 12.59 0.16 7.26
N GLY B 12 11.82 -0.78 6.73
CA GLY B 12 11.52 -0.79 5.31
C GLY B 12 10.68 0.43 4.98
N VAL B 13 9.77 0.78 5.90
CA VAL B 13 8.92 1.92 5.69
C VAL B 13 9.66 3.24 5.77
N ARG B 14 10.42 3.49 6.84
CA ARG B 14 11.12 4.78 6.90
C ARG B 14 12.22 4.95 5.85
N ARG B 15 12.69 3.85 5.28
CA ARG B 15 13.71 3.95 4.24
C ARG B 15 13.09 4.16 2.85
N GLY B 16 11.76 4.15 2.79
CA GLY B 16 11.03 4.37 1.56
C GLY B 16 11.02 3.22 0.57
N LEU B 17 11.04 2.00 1.08
CA LEU B 17 11.06 0.81 0.24
C LEU B 17 9.70 0.20 -0.06
N VAL B 18 8.63 0.83 0.41
CA VAL B 18 7.30 0.27 0.18
C VAL B 18 6.97 0.04 -1.29
N GLY B 19 7.06 1.10 -2.09
CA GLY B 19 6.75 0.98 -3.51
C GLY B 19 7.60 -0.05 -4.23
N GLU B 20 8.92 0.09 -4.11
CA GLU B 20 9.84 -0.84 -4.77
C GLU B 20 9.52 -2.29 -4.45
N ILE B 21 9.28 -2.58 -3.17
CA ILE B 21 8.96 -3.94 -2.75
C ILE B 21 7.63 -4.40 -3.37
N LEU B 22 6.60 -3.57 -3.31
CA LEU B 22 5.32 -3.97 -3.90
C LEU B 22 5.52 -4.20 -5.40
N ALA B 23 6.32 -3.34 -6.03
CA ALA B 23 6.56 -3.45 -7.45
C ALA B 23 7.12 -4.81 -7.84
N ARG B 24 7.99 -5.37 -7.01
CA ARG B 24 8.56 -6.69 -7.32
C ARG B 24 7.47 -7.76 -7.33
N PHE B 25 6.56 -7.69 -6.36
CA PHE B 25 5.46 -8.65 -6.28
C PHE B 25 4.44 -8.46 -7.41
N GLU B 26 4.28 -7.23 -7.87
CA GLU B 26 3.33 -6.97 -8.95
C GLU B 26 3.90 -7.48 -10.27
N ARG B 27 5.17 -7.16 -10.55
CA ARG B 27 5.77 -7.63 -11.80
C ARG B 27 5.93 -9.16 -11.78
N LYS B 28 5.89 -9.74 -10.59
CA LYS B 28 5.99 -11.18 -10.44
C LYS B 28 4.69 -11.80 -10.91
N GLY B 29 3.60 -11.06 -10.76
CA GLY B 29 2.31 -11.54 -11.16
C GLY B 29 1.41 -11.97 -10.03
N PHE B 30 1.79 -11.68 -8.79
CA PHE B 30 0.96 -12.05 -7.64
C PHE B 30 -0.12 -10.98 -7.46
N ARG B 31 -1.20 -11.38 -6.81
CA ARG B 31 -2.31 -10.46 -6.61
C ARG B 31 -2.30 -9.87 -5.21
N ILE B 32 -2.58 -8.57 -5.10
CA ILE B 32 -2.64 -7.93 -3.80
C ILE B 32 -4.09 -8.09 -3.36
N ALA B 33 -4.29 -8.94 -2.36
CA ALA B 33 -5.63 -9.23 -1.83
C ALA B 33 -5.96 -8.33 -0.65
N ALA B 34 -4.92 -7.83 0.02
CA ALA B 34 -5.09 -6.97 1.17
C ALA B 34 -3.86 -6.07 1.31
N LEU B 35 -4.04 -4.87 1.86
CA LEU B 35 -2.95 -3.93 2.03
C LEU B 35 -3.34 -2.76 2.92
N LYS B 36 -2.48 -2.43 3.88
CA LYS B 36 -2.75 -1.31 4.76
C LYS B 36 -1.58 -0.90 5.64
N LEU B 37 -1.48 0.39 5.89
CA LEU B 37 -0.46 0.97 6.75
C LEU B 37 -1.02 0.85 8.15
N MET B 38 -0.19 0.50 9.12
CA MET B 38 -0.69 0.37 10.48
C MET B 38 0.40 0.50 11.53
N GLN B 39 -0.03 0.73 12.76
CA GLN B 39 0.89 0.84 13.88
C GLN B 39 0.55 -0.36 14.75
N ILE B 40 1.53 -1.24 14.95
CA ILE B 40 1.30 -2.42 15.77
C ILE B 40 1.37 -2.02 17.23
N SER B 41 0.37 -2.44 18.00
CA SER B 41 0.32 -2.15 19.42
C SER B 41 1.22 -3.14 20.15
N GLN B 42 1.58 -2.81 21.39
CA GLN B 42 2.44 -3.67 22.20
C GLN B 42 1.80 -5.05 22.35
N GLU B 43 0.56 -5.07 22.81
CA GLU B 43 -0.17 -6.32 23.01
C GLU B 43 -0.24 -7.14 21.72
N LEU B 44 -0.57 -6.49 20.61
CA LEU B 44 -0.67 -7.18 19.33
C LEU B 44 0.69 -7.77 18.95
N ALA B 45 1.74 -6.98 19.14
CA ALA B 45 3.09 -7.43 18.82
C ALA B 45 3.40 -8.72 19.58
N GLU B 46 3.24 -8.67 20.89
CA GLU B 46 3.50 -9.81 21.76
C GLU B 46 2.69 -11.04 21.38
N ARG B 47 1.52 -10.81 20.79
CA ARG B 47 0.67 -11.92 20.35
C ARG B 47 1.27 -12.57 19.12
N HIS B 48 1.60 -11.75 18.12
CA HIS B 48 2.19 -12.26 16.88
C HIS B 48 3.44 -13.07 17.19
N TYR B 49 4.17 -12.64 18.23
CA TYR B 49 5.39 -13.32 18.65
C TYR B 49 5.15 -14.17 19.88
N ALA B 50 3.89 -14.55 20.12
CA ALA B 50 3.50 -15.36 21.27
C ALA B 50 4.41 -16.53 21.61
N GLU B 51 4.71 -17.36 20.61
CA GLU B 51 5.56 -18.53 20.81
C GLU B 51 6.93 -18.20 21.41
N HIS B 52 7.49 -17.06 21.01
CA HIS B 52 8.80 -16.64 21.51
C HIS B 52 8.70 -15.89 22.83
N ARG B 53 7.51 -15.84 23.42
CA ARG B 53 7.29 -15.13 24.68
C ARG B 53 8.35 -15.44 25.72
N GLU B 54 8.95 -16.63 25.62
CA GLU B 54 9.97 -17.05 26.57
C GLU B 54 11.39 -16.75 26.08
N LYS B 55 11.56 -16.69 24.77
CA LYS B 55 12.86 -16.41 24.17
C LYS B 55 13.47 -15.12 24.77
N PRO B 56 14.79 -14.94 24.63
CA PRO B 56 15.48 -13.76 25.15
C PRO B 56 15.36 -12.54 24.23
N PHE B 57 15.28 -12.80 22.94
CA PHE B 57 15.18 -11.76 21.92
C PHE B 57 13.75 -11.22 21.76
N PHE B 58 12.80 -11.86 22.43
CA PHE B 58 11.39 -11.45 22.35
C PHE B 58 11.21 -9.94 22.58
N PRO B 59 11.72 -9.42 23.71
CA PRO B 59 11.59 -7.99 23.99
C PRO B 59 12.07 -7.12 22.83
N GLY B 60 13.20 -7.52 22.24
CA GLY B 60 13.77 -6.78 21.12
C GLY B 60 12.88 -6.78 19.90
N LEU B 61 12.16 -7.88 19.69
CA LEU B 61 11.25 -8.01 18.56
C LEU B 61 10.08 -7.05 18.70
N VAL B 62 9.35 -7.19 19.80
CA VAL B 62 8.19 -6.35 20.07
C VAL B 62 8.56 -4.88 20.01
N ARG B 63 9.75 -4.54 20.52
CA ARG B 63 10.20 -3.17 20.54
C ARG B 63 10.44 -2.62 19.12
N PHE B 64 11.09 -3.41 18.28
CA PHE B 64 11.38 -2.98 16.93
C PHE B 64 10.15 -2.98 16.01
N ILE B 65 9.36 -4.04 16.08
CA ILE B 65 8.18 -4.15 15.24
C ILE B 65 7.12 -3.11 15.58
N THR B 66 7.30 -2.40 16.69
CA THR B 66 6.35 -1.36 17.08
C THR B 66 7.05 0.00 17.09
N SER B 67 8.30 0.02 16.65
CA SER B 67 9.10 1.24 16.62
C SER B 67 8.56 2.26 15.64
N GLY B 68 7.67 1.81 14.77
CA GLY B 68 7.09 2.71 13.79
C GLY B 68 6.00 1.99 13.01
N PRO B 69 5.30 2.70 12.10
CA PRO B 69 4.24 2.04 11.33
C PRO B 69 4.81 1.03 10.34
N VAL B 70 4.00 0.05 9.98
CA VAL B 70 4.40 -0.98 9.05
C VAL B 70 3.34 -1.13 7.97
N VAL B 71 3.67 -1.85 6.91
CA VAL B 71 2.71 -2.08 5.83
C VAL B 71 2.42 -3.57 5.80
N ALA B 72 1.15 -3.90 6.01
CA ALA B 72 0.75 -5.30 6.01
C ALA B 72 0.06 -5.55 4.70
N MET B 73 0.16 -6.78 4.23
CA MET B 73 -0.49 -7.12 2.99
C MET B 73 -0.69 -8.62 2.87
N VAL B 74 -1.46 -9.02 1.87
CA VAL B 74 -1.71 -10.41 1.61
C VAL B 74 -1.53 -10.57 0.12
N LEU B 75 -0.78 -11.57 -0.29
CA LEU B 75 -0.57 -11.82 -1.70
C LEU B 75 -1.18 -13.17 -2.08
N GLU B 76 -1.73 -13.25 -3.30
CA GLU B 76 -2.35 -14.49 -3.77
C GLU B 76 -1.66 -14.98 -5.02
N GLY B 77 -1.60 -16.30 -5.16
CA GLY B 77 -0.99 -16.87 -6.33
C GLY B 77 -0.47 -18.28 -6.12
N PRO B 78 -0.10 -18.96 -7.20
CA PRO B 78 0.44 -20.32 -7.22
C PRO B 78 1.66 -20.47 -6.32
N GLY B 79 1.58 -21.31 -5.29
CA GLY B 79 2.70 -21.52 -4.40
C GLY B 79 3.29 -20.22 -3.89
N VAL B 80 2.45 -19.20 -3.72
CA VAL B 80 2.89 -17.91 -3.26
C VAL B 80 3.66 -17.92 -1.92
N VAL B 81 3.27 -18.80 -1.00
CA VAL B 81 3.96 -18.85 0.28
C VAL B 81 5.44 -19.20 0.16
N ALA B 82 5.75 -20.32 -0.48
CA ALA B 82 7.15 -20.69 -0.63
C ALA B 82 7.87 -19.71 -1.57
N GLU B 83 7.14 -19.22 -2.56
CA GLU B 83 7.67 -18.28 -3.54
C GLU B 83 8.07 -16.93 -2.93
N VAL B 84 7.22 -16.38 -2.08
CA VAL B 84 7.53 -15.10 -1.44
C VAL B 84 8.69 -15.29 -0.47
N ARG B 85 8.77 -16.46 0.16
CA ARG B 85 9.88 -16.71 1.08
C ARG B 85 11.16 -16.70 0.26
N LYS B 86 11.10 -17.30 -0.92
CA LYS B 86 12.26 -17.36 -1.80
C LYS B 86 12.65 -15.97 -2.29
N MET B 87 11.66 -15.16 -2.63
CA MET B 87 11.91 -13.81 -3.11
C MET B 87 12.55 -12.96 -2.00
N MET B 88 12.05 -13.09 -0.78
CA MET B 88 12.59 -12.32 0.34
C MET B 88 14.04 -12.61 0.65
N GLY B 89 14.46 -13.85 0.47
CA GLY B 89 15.84 -14.22 0.76
C GLY B 89 16.01 -14.67 2.20
N ALA B 90 17.19 -15.15 2.55
CA ALA B 90 17.46 -15.63 3.90
C ALA B 90 17.08 -14.60 4.96
N THR B 91 16.67 -15.08 6.13
CA THR B 91 16.27 -14.17 7.21
C THR B 91 17.38 -13.18 7.55
N HIS B 92 18.62 -13.67 7.60
CA HIS B 92 19.76 -12.81 7.88
C HIS B 92 20.33 -12.36 6.54
N PRO B 93 20.23 -11.05 6.24
CA PRO B 93 20.71 -10.46 5.00
C PRO B 93 22.08 -10.92 4.51
N LYS B 94 22.99 -11.22 5.43
CA LYS B 94 24.31 -11.66 5.02
C LYS B 94 24.28 -12.99 4.29
N ASP B 95 23.20 -13.76 4.49
CA ASP B 95 23.10 -15.05 3.83
C ASP B 95 22.11 -15.00 2.68
N ALA B 96 21.42 -13.88 2.52
CA ALA B 96 20.45 -13.73 1.46
C ALA B 96 21.22 -13.44 0.19
N LEU B 97 20.78 -14.02 -0.93
CA LEU B 97 21.45 -13.81 -2.22
C LEU B 97 21.00 -12.56 -2.95
N PRO B 98 21.89 -11.98 -3.77
CA PRO B 98 21.54 -10.78 -4.54
C PRO B 98 20.35 -11.15 -5.40
N GLY B 99 19.41 -10.21 -5.53
CA GLY B 99 18.22 -10.50 -6.31
C GLY B 99 17.01 -10.61 -5.39
N THR B 100 17.23 -11.12 -4.18
CA THR B 100 16.16 -11.23 -3.18
C THR B 100 15.99 -9.87 -2.53
N ILE B 101 14.87 -9.67 -1.84
CA ILE B 101 14.59 -8.40 -1.19
C ILE B 101 15.56 -8.05 -0.05
N ARG B 102 15.83 -9.03 0.82
CA ARG B 102 16.74 -8.78 1.92
C ARG B 102 18.19 -8.70 1.42
N GLY B 103 18.50 -9.48 0.38
CA GLY B 103 19.84 -9.46 -0.17
C GLY B 103 20.17 -8.16 -0.89
N ASP B 104 19.16 -7.51 -1.47
CA ASP B 104 19.41 -6.25 -2.17
C ASP B 104 19.20 -4.99 -1.31
N PHE B 105 18.34 -5.07 -0.31
CA PHE B 105 18.02 -3.93 0.56
C PHE B 105 18.47 -3.94 2.02
N ALA B 106 18.86 -5.10 2.55
CA ALA B 106 19.23 -5.12 3.96
C ALA B 106 20.67 -5.53 4.29
N THR B 107 21.11 -5.18 5.50
CA THR B 107 22.45 -5.50 5.94
C THR B 107 22.47 -6.13 7.32
N THR B 108 21.43 -5.90 8.12
CA THR B 108 21.39 -6.48 9.46
C THR B 108 20.13 -7.31 9.71
N ILE B 109 20.29 -8.35 10.52
CA ILE B 109 19.20 -9.25 10.87
C ILE B 109 18.12 -8.50 11.66
N ASP B 110 18.52 -7.61 12.55
CA ASP B 110 17.55 -6.87 13.36
C ASP B 110 16.63 -5.99 12.53
N GLU B 111 17.12 -5.55 11.38
CA GLU B 111 16.32 -4.71 10.51
C GLU B 111 16.40 -5.29 9.11
N ASN B 112 15.82 -6.47 8.95
CA ASN B 112 15.83 -7.15 7.67
C ASN B 112 14.69 -6.74 6.76
N VAL B 113 14.23 -5.51 6.94
CA VAL B 113 13.21 -4.90 6.08
C VAL B 113 11.85 -5.57 5.83
N ILE B 114 11.78 -6.90 5.90
CA ILE B 114 10.52 -7.55 5.57
C ILE B 114 10.29 -8.90 6.23
N HIS B 115 9.04 -9.35 6.18
CA HIS B 115 8.64 -10.64 6.74
C HIS B 115 7.56 -11.29 5.88
N GLY B 116 7.64 -12.61 5.77
CA GLY B 116 6.67 -13.37 5.00
C GLY B 116 6.32 -14.60 5.80
N SER B 117 5.11 -15.11 5.62
CA SER B 117 4.67 -16.29 6.36
C SER B 117 5.52 -17.51 6.02
N ALA B 118 5.91 -18.27 7.04
CA ALA B 118 6.75 -19.45 6.84
C ALA B 118 5.96 -20.64 6.27
N THR B 119 4.69 -20.73 6.65
CA THR B 119 3.85 -21.82 6.18
C THR B 119 2.44 -21.28 5.97
N LEU B 120 1.58 -22.10 5.39
CA LEU B 120 0.20 -21.70 5.13
C LEU B 120 -0.54 -21.45 6.44
N GLU B 121 -0.26 -22.28 7.43
CA GLU B 121 -0.89 -22.14 8.72
C GLU B 121 -0.49 -20.81 9.32
N ASP B 122 0.80 -20.51 9.28
CA ASP B 122 1.31 -19.24 9.81
C ASP B 122 0.65 -18.07 9.08
N ALA B 123 0.37 -18.26 7.79
CA ALA B 123 -0.26 -17.23 6.99
C ALA B 123 -1.64 -16.93 7.52
N GLN B 124 -2.44 -17.98 7.68
CA GLN B 124 -3.80 -17.84 8.19
C GLN B 124 -3.78 -17.17 9.56
N ARG B 125 -2.93 -17.69 10.43
CA ARG B 125 -2.76 -17.17 11.78
C ARG B 125 -2.46 -15.67 11.72
N GLU B 126 -1.52 -15.29 10.88
CA GLU B 126 -1.11 -13.90 10.73
C GLU B 126 -2.14 -13.02 10.01
N ILE B 127 -2.85 -13.58 9.04
CA ILE B 127 -3.85 -12.82 8.31
C ILE B 127 -5.03 -12.49 9.24
N ALA B 128 -5.43 -13.45 10.05
CA ALA B 128 -6.53 -13.26 10.98
C ALA B 128 -6.19 -12.21 12.03
N LEU B 129 -4.94 -12.21 12.46
CA LEU B 129 -4.48 -11.29 13.49
C LEU B 129 -4.28 -9.84 13.07
N PHE B 130 -3.99 -9.60 11.79
CA PHE B 130 -3.72 -8.24 11.31
C PHE B 130 -4.78 -7.65 10.39
N PHE B 131 -5.66 -8.49 9.87
CA PHE B 131 -6.70 -8.02 8.97
C PHE B 131 -8.09 -8.43 9.44
N ARG B 132 -9.06 -7.54 9.26
CA ARG B 132 -10.43 -7.86 9.62
C ARG B 132 -10.94 -8.52 8.34
N PRO B 133 -11.91 -9.43 8.46
CA PRO B 133 -12.46 -10.13 7.30
C PRO B 133 -12.84 -9.24 6.12
N GLU B 134 -13.37 -8.06 6.42
CA GLU B 134 -13.80 -7.13 5.37
C GLU B 134 -12.63 -6.44 4.66
N GLU B 135 -11.42 -6.64 5.15
CA GLU B 135 -10.25 -6.02 4.55
C GLU B 135 -9.62 -6.91 3.46
N LEU B 136 -10.06 -8.15 3.37
CA LEU B 136 -9.55 -9.08 2.35
C LEU B 136 -10.38 -8.89 1.10
N LEU B 137 -9.74 -8.74 -0.05
CA LEU B 137 -10.48 -8.56 -1.30
C LEU B 137 -10.10 -9.59 -2.35
#